data_8OLV
#
_entry.id   8OLV
#
_cell.length_a   90.012
_cell.length_b   94.722
_cell.length_c   225.042
_cell.angle_alpha   90.00
_cell.angle_beta   90.00
_cell.angle_gamma   90.00
#
_symmetry.space_group_name_H-M   'P 21 21 21'
#
loop_
_entity.id
_entity.type
_entity.pdbx_description
1 polymer 'Group IIC intron'
2 non-polymer 'MAGNESIUM ION'
3 non-polymer 'POTASSIUM ION'
4 non-polymer SPERMINE
5 non-polymer '4-(2-HYDROXYETHYL)-1-PIPERAZINE ETHANESULFONIC ACID'
6 non-polymer 2-[2,6-bis(bromanyl)-3,4,5-tris(oxidanyl)phenyl]carbonyl-~{N}-(2-pyrrolidin-1-ylethyl)-1-benzofuran-5-carboxamide
7 water water
#
_entity_poly.entity_id   1
_entity_poly.type   'polyribonucleotide'
_entity_poly.pdbx_seq_one_letter_code
;GGGGUGUGCCCGGCAUGGGUGCAGUCUAUAGGGUGAGAGUCCCGAACUGUGAAGGCAGAAGUAACAGUUAGCCUAACGCA
AGGGUGUCCGUGGCGACAUGGAAUCUGAAGGAAGCGGACGGCAAACCUUCGGUCUGAGGAACACGAACUUCAUAUGAGGC
UAGGUAUCAAUGGAUGAGUUUGCAUAACAAAACAAAGUCCUUUCUGCCAAAGUUGGUACAGAGUAAAUGAAGCAGAUUGA
UGAAGGGAAAGACUGCAUUCUUACCCGGGGAGGUCUGGAAACAGAAGUCAGCAGAAGUCAUAGUACCCUGUUCGCAGGGG
AAGGACGGAACAAGUAUGGCGUUCGCGCCUAAGCUUGAACCGCCGUAUACCGAACGGUACGUACGGUGGUGUGG
;
_entity_poly.pdbx_strand_id   A
#